data_7ZYL
#
_entry.id   7ZYL
#
_cell.length_a   1.00
_cell.length_b   1.00
_cell.length_c   1.00
_cell.angle_alpha   90.00
_cell.angle_beta   90.00
_cell.angle_gamma   90.00
#
_symmetry.space_group_name_H-M   'P 1'
#
loop_
_entity.id
_entity.type
_entity.pdbx_description
1 polymer Avidin
2 branched 2-acetamido-2-deoxy-beta-D-glucopyranose-(1-4)-2-acetamido-2-deoxy-beta-D-glucopyranose
3 non-polymer 6-[(3~{a}~{S},4~{S},6~{a}~{R})-2-oxidanylidene-1,3,3~{a},4,6,6~{a}-hexahydrothieno[3,4-d]imidazol-4-yl]-~{N}-(2,2,6,6-tetramethyl-1-oxidanyl-piperidin-4-yl)hexanamide
#
_entity_poly.entity_id   1
_entity_poly.type   'polypeptide(L)'
_entity_poly.pdbx_seq_one_letter_code
;MVHATSPLLLLLLLSLALVAPGLSARKCSLTGKWTNDLGSNMTIGAVNSRGEFTGTYITAVTATSNEIKESPLHGTQNTI
NKRTQPTFGFTVNWKFSESTTVFTGQCFIDRNGKEVLKTMWLLRSSVNDIGDDWKATRVGINIFTRLRTQKE
;
_entity_poly.pdbx_strand_id   A,B,C,D
#
loop_
_chem_comp.id
_chem_comp.type
_chem_comp.name
_chem_comp.formula
KFL non-polymer 6-[(3~{a}~{S},4~{S},6~{a}~{R})-2-oxidanylidene-1,3,3~{a},4,6,6~{a}-hexahydrothieno[3,4-d]imidazol-4-yl]-~{N}-(2,2,6,6-tetramethyl-1-oxidanyl-piperidin-4-yl)hexanamide 'C20 H36 N4 O3 S'
NAG D-saccharide, beta linking 2-acetamido-2-deoxy-beta-D-glucopyranose 'C8 H15 N O6'
#
# COMPACT_ATOMS: atom_id res chain seq x y z
N LYS A 27 -6.62 29.07 6.76
CA LYS A 27 -7.10 27.84 7.38
C LYS A 27 -7.08 26.70 6.38
N CYS A 28 -7.03 25.47 6.88
CA CYS A 28 -6.97 24.27 6.03
C CYS A 28 -8.18 23.42 6.41
N SER A 29 -9.31 23.72 5.80
CA SER A 29 -10.59 23.09 6.13
C SER A 29 -11.06 22.23 4.98
N LEU A 30 -11.51 21.02 5.30
CA LEU A 30 -11.95 20.09 4.27
C LEU A 30 -13.18 20.58 3.52
N THR A 31 -14.00 21.42 4.14
CA THR A 31 -15.21 21.91 3.51
C THR A 31 -14.87 22.68 2.24
N GLY A 32 -15.59 22.38 1.17
CA GLY A 32 -15.46 23.08 -0.09
C GLY A 32 -15.18 22.14 -1.22
N LYS A 33 -14.81 22.70 -2.36
CA LYS A 33 -14.56 21.94 -3.56
C LYS A 33 -13.06 21.69 -3.74
N TRP A 34 -12.72 20.51 -4.24
CA TRP A 34 -11.34 20.12 -4.45
C TRP A 34 -11.21 19.43 -5.80
N THR A 35 -9.98 19.42 -6.30
CA THR A 35 -9.64 18.72 -7.54
C THR A 35 -8.26 18.11 -7.39
N ASN A 36 -8.08 16.90 -7.88
CA ASN A 36 -6.82 16.21 -7.72
C ASN A 36 -6.06 16.16 -9.03
N ASP A 37 -4.89 15.51 -8.99
CA ASP A 37 -3.98 15.48 -10.13
C ASP A 37 -4.55 14.70 -11.32
N LEU A 38 -5.54 13.86 -11.11
CA LEU A 38 -6.20 13.15 -12.20
C LEU A 38 -7.36 13.93 -12.79
N GLY A 39 -7.73 15.05 -12.20
CA GLY A 39 -8.89 15.80 -12.64
C GLY A 39 -10.18 15.46 -11.93
N SER A 40 -10.13 14.61 -10.90
CA SER A 40 -11.34 14.26 -10.17
C SER A 40 -11.86 15.44 -9.37
N ASN A 41 -13.17 15.56 -9.31
CA ASN A 41 -13.83 16.64 -8.58
C ASN A 41 -14.09 16.11 -7.17
N MET A 42 -14.18 17.01 -6.20
CA MET A 42 -14.56 16.58 -4.85
C MET A 42 -15.17 17.75 -4.11
N THR A 43 -16.42 17.59 -3.66
CA THR A 43 -17.08 18.58 -2.83
C THR A 43 -17.35 17.97 -1.46
N ILE A 44 -16.88 18.65 -0.42
CA ILE A 44 -17.06 18.22 0.96
C ILE A 44 -17.93 19.25 1.67
N GLY A 45 -18.92 18.76 2.41
CA GLY A 45 -19.81 19.62 3.17
C GLY A 45 -19.21 20.00 4.50
N ALA A 46 -20.06 20.59 5.35
CA ALA A 46 -19.61 21.03 6.66
C ALA A 46 -19.11 19.85 7.48
N VAL A 47 -18.10 20.11 8.29
CA VAL A 47 -17.57 19.13 9.23
C VAL A 47 -18.20 19.41 10.59
N ASN A 48 -18.89 18.42 11.15
CA ASN A 48 -19.60 18.62 12.39
C ASN A 48 -18.63 18.55 13.57
N SER A 49 -19.16 18.81 14.77
CA SER A 49 -18.33 18.87 15.97
C SER A 49 -17.61 17.54 16.23
N ARG A 50 -18.11 16.44 15.70
CA ARG A 50 -17.44 15.16 15.83
C ARG A 50 -16.47 14.87 14.69
N GLY A 51 -16.30 15.81 13.77
CA GLY A 51 -15.38 15.61 12.66
C GLY A 51 -15.94 14.82 11.50
N GLU A 52 -17.24 14.56 11.48
CA GLU A 52 -17.84 13.84 10.37
C GLU A 52 -18.22 14.80 9.25
N PHE A 53 -18.11 14.31 8.02
CA PHE A 53 -18.47 15.10 6.86
C PHE A 53 -18.93 14.15 5.76
N THR A 54 -19.78 14.66 4.89
CA THR A 54 -20.20 13.96 3.69
C THR A 54 -19.82 14.81 2.47
N GLY A 55 -20.04 14.24 1.30
CA GLY A 55 -19.74 14.96 0.08
C GLY A 55 -20.00 14.10 -1.12
N THR A 56 -19.60 14.61 -2.28
CA THR A 56 -19.73 13.90 -3.54
C THR A 56 -18.37 13.87 -4.23
N TYR A 57 -18.13 12.79 -4.97
CA TYR A 57 -16.87 12.58 -5.66
C TYR A 57 -17.17 12.31 -7.12
N ILE A 58 -16.55 13.08 -8.01
CA ILE A 58 -16.67 12.88 -9.45
C ILE A 58 -15.29 12.54 -9.97
N THR A 59 -15.08 11.26 -10.28
CA THR A 59 -13.79 10.82 -10.78
C THR A 59 -13.66 11.13 -12.27
N ALA A 60 -12.45 11.56 -12.66
CA ALA A 60 -12.17 11.77 -14.07
C ALA A 60 -11.77 10.48 -14.77
N VAL A 61 -11.22 9.53 -14.01
CA VAL A 61 -10.66 8.30 -14.55
C VAL A 61 -11.44 7.12 -13.99
N THR A 62 -11.79 6.18 -14.87
CA THR A 62 -12.45 4.96 -14.46
C THR A 62 -11.94 3.80 -15.31
N ALA A 63 -11.80 2.64 -14.69
CA ALA A 63 -11.44 1.43 -15.40
C ALA A 63 -12.66 0.66 -15.90
N THR A 64 -13.86 1.07 -15.52
CA THR A 64 -15.07 0.39 -15.94
C THR A 64 -15.50 0.86 -17.33
N SER A 65 -16.39 0.09 -17.93
CA SER A 65 -17.04 0.49 -19.18
C SER A 65 -18.29 1.30 -18.94
N ASN A 66 -18.73 1.43 -17.68
CA ASN A 66 -19.88 2.25 -17.35
C ASN A 66 -19.59 3.74 -17.41
N GLU A 67 -20.64 4.52 -17.60
CA GLU A 67 -20.51 5.97 -17.49
C GLU A 67 -20.20 6.38 -16.06
N ILE A 68 -19.23 7.28 -15.90
CA ILE A 68 -18.89 7.76 -14.56
C ILE A 68 -20.09 8.54 -14.05
N LYS A 69 -20.33 8.42 -12.75
CA LYS A 69 -21.42 9.14 -12.11
C LYS A 69 -20.97 9.66 -10.77
N GLU A 70 -21.58 10.76 -10.34
CA GLU A 70 -21.28 11.34 -9.04
C GLU A 70 -21.54 10.33 -7.94
N SER A 71 -20.60 10.20 -7.01
CA SER A 71 -20.71 9.21 -5.97
C SER A 71 -20.60 9.86 -4.60
N PRO A 72 -21.39 9.40 -3.63
CA PRO A 72 -21.30 9.95 -2.28
C PRO A 72 -20.01 9.53 -1.58
N LEU A 73 -19.53 10.41 -0.71
CA LEU A 73 -18.38 10.11 0.14
C LEU A 73 -18.73 10.43 1.59
N HIS A 74 -18.20 9.62 2.49
CA HIS A 74 -18.40 9.80 3.92
C HIS A 74 -17.07 9.63 4.62
N GLY A 75 -16.77 10.52 5.54
CA GLY A 75 -15.52 10.41 6.25
C GLY A 75 -15.54 11.21 7.54
N THR A 76 -14.43 11.14 8.24
CA THR A 76 -14.23 11.90 9.47
C THR A 76 -12.82 12.47 9.46
N GLN A 77 -12.65 13.56 10.20
CA GLN A 77 -11.34 14.15 10.41
C GLN A 77 -11.02 14.10 11.89
N ASN A 78 -9.77 13.78 12.21
CA ASN A 78 -9.35 13.68 13.59
C ASN A 78 -9.53 15.00 14.32
N THR A 79 -10.07 14.92 15.52
CA THR A 79 -10.35 16.10 16.33
C THR A 79 -9.45 16.21 17.55
N ILE A 80 -8.43 15.34 17.66
CA ILE A 80 -7.55 15.34 18.81
C ILE A 80 -6.58 16.50 18.70
N ASN A 81 -6.50 17.31 19.76
CA ASN A 81 -5.54 18.41 19.84
C ASN A 81 -5.96 19.58 18.95
N LYS A 82 -7.03 19.42 18.18
CA LYS A 82 -7.53 20.47 17.30
C LYS A 82 -6.42 20.99 16.40
N ARG A 83 -5.71 20.07 15.77
CA ARG A 83 -4.57 20.42 14.94
C ARG A 83 -4.99 21.25 13.75
N THR A 84 -4.14 22.22 13.38
CA THR A 84 -4.41 23.05 12.22
C THR A 84 -4.34 22.27 10.92
N GLN A 85 -3.71 21.09 10.94
CA GLN A 85 -3.62 20.21 9.78
C GLN A 85 -3.99 18.81 10.21
N PRO A 86 -5.23 18.58 10.61
CA PRO A 86 -5.62 17.26 11.11
C PRO A 86 -5.68 16.22 10.00
N THR A 87 -5.47 14.97 10.38
CA THR A 87 -5.63 13.87 9.44
C THR A 87 -7.11 13.59 9.24
N PHE A 88 -7.41 12.88 8.14
CA PHE A 88 -8.78 12.58 7.78
C PHE A 88 -8.82 11.31 6.97
N GLY A 89 -10.00 10.73 6.88
CA GLY A 89 -10.24 9.62 5.97
C GLY A 89 -11.67 9.67 5.51
N PHE A 90 -11.91 9.14 4.32
CA PHE A 90 -13.28 9.04 3.85
C PHE A 90 -13.40 7.87 2.88
N THR A 91 -14.63 7.42 2.70
CA THR A 91 -14.96 6.30 1.84
C THR A 91 -15.78 6.81 0.67
N VAL A 92 -15.42 6.40 -0.54
CA VAL A 92 -16.20 6.71 -1.73
C VAL A 92 -16.94 5.45 -2.15
N ASN A 93 -18.26 5.54 -2.17
CA ASN A 93 -19.13 4.43 -2.54
C ASN A 93 -19.56 4.65 -3.99
N TRP A 94 -18.81 4.06 -4.91
CA TRP A 94 -19.03 4.32 -6.33
C TRP A 94 -20.41 3.86 -6.76
N LYS A 95 -21.12 4.75 -7.45
CA LYS A 95 -22.49 4.48 -7.88
C LYS A 95 -22.55 3.84 -9.26
N PHE A 96 -21.42 3.70 -9.94
CA PHE A 96 -21.36 3.04 -11.23
C PHE A 96 -20.50 1.79 -11.21
N SER A 97 -19.72 1.57 -10.16
CA SER A 97 -18.85 0.43 -10.02
C SER A 97 -19.27 -0.39 -8.80
N GLU A 98 -18.72 -1.58 -8.68
CA GLU A 98 -18.93 -2.43 -7.52
C GLU A 98 -17.79 -2.36 -6.53
N SER A 99 -16.87 -1.43 -6.72
CA SER A 99 -15.69 -1.30 -5.88
C SER A 99 -15.89 -0.21 -4.83
N THR A 100 -14.94 -0.14 -3.91
CA THR A 100 -14.91 0.88 -2.88
C THR A 100 -13.50 1.45 -2.81
N THR A 101 -13.39 2.76 -2.68
CA THR A 101 -12.11 3.43 -2.48
C THR A 101 -12.14 4.16 -1.15
N VAL A 102 -11.05 4.05 -0.39
CA VAL A 102 -10.89 4.77 0.86
C VAL A 102 -9.71 5.70 0.72
N PHE A 103 -9.88 6.94 1.14
CA PHE A 103 -8.84 7.95 1.10
C PHE A 103 -8.42 8.31 2.52
N THR A 104 -7.12 8.50 2.72
CA THR A 104 -6.63 9.00 3.99
C THR A 104 -5.45 9.93 3.70
N GLY A 105 -5.39 11.03 4.44
CA GLY A 105 -4.35 12.01 4.19
C GLY A 105 -4.41 13.11 5.21
N GLN A 106 -3.81 14.25 4.84
CA GLN A 106 -3.72 15.37 5.75
C GLN A 106 -3.79 16.66 4.94
N CYS A 107 -4.31 17.71 5.57
CA CYS A 107 -4.39 19.03 4.97
C CYS A 107 -3.12 19.80 5.29
N PHE A 108 -2.54 20.44 4.27
CA PHE A 108 -1.31 21.20 4.44
C PHE A 108 -1.47 22.59 3.86
N ILE A 109 -0.85 23.56 4.50
CA ILE A 109 -0.74 24.92 3.97
C ILE A 109 0.67 25.06 3.42
N ASP A 110 0.81 24.99 2.10
CA ASP A 110 2.13 24.87 1.50
C ASP A 110 2.90 26.17 1.68
N ARG A 111 4.10 26.23 1.07
CA ARG A 111 4.97 27.39 1.22
C ARG A 111 4.24 28.68 0.91
N ASN A 112 3.48 28.70 -0.18
CA ASN A 112 2.79 29.92 -0.59
C ASN A 112 1.71 30.32 0.40
N GLY A 113 0.91 29.36 0.84
CA GLY A 113 -0.23 29.65 1.69
C GLY A 113 -1.51 29.04 1.17
N LYS A 114 -1.39 28.20 0.15
CA LYS A 114 -2.52 27.52 -0.44
C LYS A 114 -2.68 26.13 0.19
N GLU A 115 -3.92 25.74 0.44
CA GLU A 115 -4.20 24.45 1.05
C GLU A 115 -3.95 23.32 0.06
N VAL A 116 -3.43 22.20 0.57
CA VAL A 116 -3.22 21.00 -0.23
C VAL A 116 -3.61 19.80 0.61
N LEU A 117 -4.36 18.88 0.02
CA LEU A 117 -4.66 17.61 0.65
C LEU A 117 -3.77 16.54 0.04
N LYS A 118 -2.89 15.98 0.85
CA LYS A 118 -2.04 14.86 0.43
C LYS A 118 -2.68 13.58 0.94
N THR A 119 -3.09 12.71 0.02
CA THR A 119 -3.83 11.52 0.38
C THR A 119 -3.22 10.30 -0.30
N MET A 120 -3.38 9.16 0.36
CA MET A 120 -3.18 7.86 -0.23
C MET A 120 -4.51 7.12 -0.19
N TRP A 121 -4.74 6.24 -1.15
CA TRP A 121 -6.01 5.56 -1.23
C TRP A 121 -5.82 4.07 -1.47
N LEU A 122 -6.86 3.31 -1.13
CA LEU A 122 -6.95 1.90 -1.45
C LEU A 122 -8.23 1.69 -2.26
N LEU A 123 -8.11 1.03 -3.40
CA LEU A 123 -9.26 0.69 -4.22
C LEU A 123 -9.50 -0.81 -4.09
N ARG A 124 -10.69 -1.16 -3.61
CA ARG A 124 -11.06 -2.55 -3.41
C ARG A 124 -12.02 -2.98 -4.51
N SER A 125 -11.60 -3.96 -5.30
CA SER A 125 -12.48 -4.55 -6.30
C SER A 125 -13.26 -5.71 -5.69
N SER A 126 -14.35 -6.07 -6.37
CA SER A 126 -15.16 -7.21 -5.98
C SER A 126 -14.61 -8.47 -6.63
N VAL A 127 -14.38 -9.50 -5.83
CA VAL A 127 -13.92 -10.79 -6.32
C VAL A 127 -14.93 -11.84 -5.91
N ASN A 128 -15.20 -12.78 -6.81
CA ASN A 128 -16.24 -13.77 -6.56
C ASN A 128 -15.84 -14.80 -5.51
N ASP A 129 -14.55 -14.99 -5.28
CA ASP A 129 -14.05 -16.05 -4.41
C ASP A 129 -13.04 -15.47 -3.45
N ILE A 130 -12.98 -16.05 -2.25
CA ILE A 130 -11.98 -15.63 -1.28
C ILE A 130 -10.58 -16.04 -1.73
N GLY A 131 -10.47 -16.97 -2.68
CA GLY A 131 -9.17 -17.32 -3.23
C GLY A 131 -8.59 -16.28 -4.15
N ASP A 132 -9.42 -15.40 -4.71
CA ASP A 132 -8.96 -14.29 -5.54
C ASP A 132 -8.71 -13.02 -4.73
N ASP A 133 -8.89 -13.06 -3.41
CA ASP A 133 -8.81 -11.85 -2.61
C ASP A 133 -7.43 -11.21 -2.68
N TRP A 134 -6.38 -11.97 -3.00
CA TRP A 134 -5.03 -11.43 -2.98
C TRP A 134 -4.85 -10.32 -4.00
N LYS A 135 -5.63 -10.33 -5.08
CA LYS A 135 -5.45 -9.40 -6.18
C LYS A 135 -6.49 -8.30 -6.22
N ALA A 136 -7.23 -8.09 -5.14
CA ALA A 136 -8.39 -7.22 -5.16
C ALA A 136 -8.12 -5.78 -4.72
N THR A 137 -6.93 -5.49 -4.21
CA THR A 137 -6.65 -4.18 -3.62
C THR A 137 -5.61 -3.44 -4.44
N ARG A 138 -5.95 -2.23 -4.87
CA ARG A 138 -5.03 -1.31 -5.50
C ARG A 138 -4.69 -0.19 -4.54
N VAL A 139 -3.51 0.40 -4.74
CA VAL A 139 -3.04 1.49 -3.89
C VAL A 139 -2.51 2.61 -4.78
N GLY A 140 -2.60 3.83 -4.27
CA GLY A 140 -2.18 4.98 -5.03
C GLY A 140 -2.32 6.23 -4.21
N ILE A 141 -1.90 7.35 -4.80
CA ILE A 141 -1.91 8.64 -4.13
C ILE A 141 -2.75 9.62 -4.93
N ASN A 142 -3.17 10.68 -4.26
CA ASN A 142 -3.83 11.79 -4.91
C ASN A 142 -3.46 13.07 -4.17
N ILE A 143 -3.30 14.16 -4.92
CA ILE A 143 -3.06 15.48 -4.37
C ILE A 143 -4.22 16.36 -4.75
N PHE A 144 -4.90 16.91 -3.75
CA PHE A 144 -6.08 17.74 -3.97
C PHE A 144 -5.73 19.20 -3.71
N THR A 145 -6.13 20.07 -4.62
CA THR A 145 -6.04 21.50 -4.44
C THR A 145 -7.43 22.10 -4.56
N ARG A 146 -7.61 23.28 -3.97
CA ARG A 146 -8.91 23.92 -3.99
C ARG A 146 -9.26 24.41 -5.38
N LEU A 147 -10.55 24.32 -5.71
CA LEU A 147 -11.05 24.78 -7.00
C LEU A 147 -11.39 26.26 -6.93
N LYS B 27 -25.75 -15.50 5.47
CA LYS B 27 -25.59 -14.14 4.97
C LYS B 27 -24.28 -13.55 5.47
N CYS B 28 -23.75 -12.58 4.74
CA CYS B 28 -22.48 -11.94 5.08
C CYS B 28 -22.78 -10.46 5.27
N SER B 29 -23.20 -10.10 6.48
CA SER B 29 -23.67 -8.76 6.80
C SER B 29 -22.69 -8.10 7.77
N LEU B 30 -22.35 -6.84 7.49
CA LEU B 30 -21.40 -6.13 8.32
C LEU B 30 -21.92 -5.89 9.74
N THR B 31 -23.23 -5.84 9.91
CA THR B 31 -23.80 -5.58 11.23
C THR B 31 -23.40 -6.66 12.21
N GLY B 32 -22.96 -6.24 13.39
CA GLY B 32 -22.62 -7.14 14.47
C GLY B 32 -21.23 -6.89 14.97
N LYS B 33 -20.73 -7.82 15.78
CA LYS B 33 -19.43 -7.70 16.40
C LYS B 33 -18.40 -8.52 15.63
N TRP B 34 -17.19 -7.99 15.54
CA TRP B 34 -16.10 -8.63 14.81
C TRP B 34 -14.82 -8.53 15.63
N THR B 35 -13.89 -9.42 15.32
CA THR B 35 -12.57 -9.42 15.93
C THR B 35 -11.55 -9.82 14.87
N ASN B 36 -10.40 -9.16 14.86
CA ASN B 36 -9.40 -9.42 13.84
C ASN B 36 -8.23 -10.18 14.43
N ASP B 37 -7.23 -10.43 13.57
CA ASP B 37 -6.09 -11.26 13.93
C ASP B 37 -5.21 -10.62 15.00
N LEU B 38 -5.31 -9.31 15.20
CA LEU B 38 -4.57 -8.64 16.26
C LEU B 38 -5.33 -8.62 17.58
N GLY B 39 -6.57 -9.06 17.60
CA GLY B 39 -7.40 -8.98 18.78
C GLY B 39 -8.25 -7.74 18.89
N SER B 40 -8.28 -6.90 17.86
CA SER B 40 -9.10 -5.70 17.89
C SER B 40 -10.58 -6.04 17.84
N ASN B 41 -11.37 -5.28 18.58
CA ASN B 41 -12.81 -5.48 18.63
C ASN B 41 -13.43 -4.58 17.56
N MET B 42 -14.60 -4.96 17.07
CA MET B 42 -15.29 -4.08 16.12
C MET B 42 -16.78 -4.37 16.17
N THR B 43 -17.58 -3.36 16.49
CA THR B 43 -19.03 -3.46 16.46
C THR B 43 -19.57 -2.52 15.40
N ILE B 44 -20.35 -3.06 14.48
CA ILE B 44 -20.95 -2.30 13.40
C ILE B 44 -22.46 -2.33 13.58
N GLY B 45 -23.10 -1.16 13.46
CA GLY B 45 -24.53 -1.05 13.57
C GLY B 45 -25.23 -1.40 12.28
N ALA B 46 -26.52 -1.08 12.25
CA ALA B 46 -27.33 -1.38 11.06
C ALA B 46 -26.79 -0.62 9.85
N VAL B 47 -26.90 -1.27 8.70
CA VAL B 47 -26.54 -0.66 7.43
C VAL B 47 -27.82 -0.14 6.78
N ASN B 48 -27.87 1.16 6.51
CA ASN B 48 -29.08 1.76 5.98
C ASN B 48 -29.21 1.48 4.48
N SER B 49 -30.34 1.90 3.92
CA SER B 49 -30.62 1.62 2.52
C SER B 49 -29.57 2.20 1.58
N ARG B 50 -28.82 3.20 2.03
CA ARG B 50 -27.73 3.77 1.24
C ARG B 50 -26.40 3.08 1.50
N GLY B 51 -26.37 2.05 2.34
CA GLY B 51 -25.14 1.36 2.63
C GLY B 51 -24.26 2.01 3.68
N GLU B 52 -24.75 3.02 4.37
CA GLU B 52 -23.97 3.67 5.42
C GLU B 52 -24.14 2.93 6.74
N PHE B 53 -23.06 2.93 7.52
CA PHE B 53 -23.08 2.30 8.83
C PHE B 53 -22.09 3.03 9.73
N THR B 54 -22.35 2.98 11.02
CA THR B 54 -21.44 3.47 12.04
C THR B 54 -21.08 2.32 12.97
N GLY B 55 -20.17 2.59 13.88
CA GLY B 55 -19.77 1.59 14.84
C GLY B 55 -18.66 2.09 15.72
N THR B 56 -18.12 1.18 16.52
CA THR B 56 -17.01 1.49 17.41
C THR B 56 -15.90 0.48 17.17
N TYR B 57 -14.66 0.94 17.35
CA TYR B 57 -13.48 0.13 17.12
C TYR B 57 -12.62 0.17 18.37
N ILE B 58 -12.28 -1.00 18.90
CA ILE B 58 -11.39 -1.13 20.05
C ILE B 58 -10.16 -1.88 19.58
N THR B 59 -9.07 -1.16 19.41
CA THR B 59 -7.83 -1.77 18.95
C THR B 59 -7.11 -2.43 20.11
N ALA B 60 -6.54 -3.61 19.83
CA ALA B 60 -5.72 -4.28 20.83
C ALA B 60 -4.29 -3.76 20.83
N VAL B 61 -3.83 -3.22 19.70
CA VAL B 61 -2.45 -2.81 19.51
C VAL B 61 -2.42 -1.31 19.24
N THR B 62 -1.50 -0.61 19.89
CA THR B 62 -1.30 0.81 19.67
C THR B 62 0.18 1.12 19.75
N ALA B 63 0.64 2.04 18.91
CA ALA B 63 2.00 2.53 18.98
C ALA B 63 2.14 3.75 19.88
N THR B 64 1.04 4.30 20.37
CA THR B 64 1.09 5.47 21.22
C THR B 64 1.37 5.07 22.66
N SER B 65 1.74 6.06 23.47
CA SER B 65 1.86 5.88 24.90
C SER B 65 0.55 6.13 25.63
N ASN B 66 -0.47 6.63 24.94
CA ASN B 66 -1.78 6.82 25.55
C ASN B 66 -2.50 5.50 25.74
N GLU B 67 -3.41 5.48 26.71
CA GLU B 67 -4.27 4.32 26.88
C GLU B 67 -5.24 4.23 25.70
N ILE B 68 -5.42 3.00 25.19
CA ILE B 68 -6.35 2.81 24.09
C ILE B 68 -7.76 3.13 24.57
N LYS B 69 -8.56 3.67 23.66
CA LYS B 69 -9.94 4.00 23.96
C LYS B 69 -10.82 3.66 22.77
N GLU B 70 -12.07 3.32 23.05
CA GLU B 70 -13.03 3.02 22.00
C GLU B 70 -13.16 4.20 21.04
N SER B 71 -13.13 3.91 19.75
CA SER B 71 -13.14 4.97 18.75
C SER B 71 -14.29 4.75 17.77
N PRO B 72 -14.97 5.82 17.36
CA PRO B 72 -16.04 5.68 16.38
C PRO B 72 -15.51 5.34 14.99
N LEU B 73 -16.31 4.60 14.24
CA LEU B 73 -16.01 4.28 12.86
C LEU B 73 -17.23 4.62 12.01
N HIS B 74 -16.96 5.10 10.79
CA HIS B 74 -17.99 5.44 9.84
C HIS B 74 -17.59 4.90 8.48
N GLY B 75 -18.54 4.27 7.80
CA GLY B 75 -18.23 3.72 6.49
C GLY B 75 -19.48 3.46 5.70
N THR B 76 -19.27 2.97 4.48
CA THR B 76 -20.34 2.59 3.59
C THR B 76 -19.99 1.27 2.93
N GLN B 77 -21.00 0.53 2.52
CA GLN B 77 -20.82 -0.68 1.74
C GLN B 77 -21.47 -0.49 0.39
N ASN B 78 -20.81 -0.99 -0.65
CA ASN B 78 -21.31 -0.83 -2.00
C ASN B 78 -22.66 -1.50 -2.16
N THR B 79 -23.60 -0.81 -2.79
CA THR B 79 -24.95 -1.31 -2.98
C THR B 79 -25.24 -1.67 -4.43
N ILE B 80 -24.23 -1.64 -5.30
CA ILE B 80 -24.42 -1.94 -6.71
C ILE B 80 -24.56 -3.45 -6.89
N ASN B 81 -25.65 -3.86 -7.54
CA ASN B 81 -25.93 -5.24 -7.92
C ASN B 81 -26.40 -6.10 -6.75
N LYS B 82 -26.56 -5.55 -5.55
CA LYS B 82 -27.04 -6.31 -4.41
C LYS B 82 -26.17 -7.54 -4.18
N ARG B 83 -24.86 -7.36 -4.26
CA ARG B 83 -23.93 -8.47 -4.16
C ARG B 83 -24.00 -9.10 -2.77
N THR B 84 -23.95 -10.44 -2.75
CA THR B 84 -23.96 -11.16 -1.48
C THR B 84 -22.65 -10.96 -0.70
N GLN B 85 -21.60 -10.49 -1.37
CA GLN B 85 -20.32 -10.20 -0.73
C GLN B 85 -19.85 -8.82 -1.20
N PRO B 86 -20.59 -7.77 -0.86
CA PRO B 86 -20.24 -6.43 -1.35
C PRO B 86 -18.98 -5.91 -0.69
N THR B 87 -18.29 -5.02 -1.41
CA THR B 87 -17.14 -4.34 -0.85
C THR B 87 -17.61 -3.23 0.10
N PHE B 88 -16.69 -2.80 0.95
CA PHE B 88 -17.00 -1.79 1.95
C PHE B 88 -15.75 -1.02 2.30
N GLY B 89 -15.94 0.13 2.92
CA GLY B 89 -14.83 0.88 3.50
C GLY B 89 -15.35 1.64 4.69
N PHE B 90 -14.45 1.90 5.63
CA PHE B 90 -14.82 2.73 6.77
C PHE B 90 -13.59 3.43 7.31
N THR B 91 -13.84 4.50 8.05
CA THR B 91 -12.80 5.32 8.64
C THR B 91 -12.88 5.19 10.15
N VAL B 92 -11.74 4.98 10.79
CA VAL B 92 -11.66 4.95 12.24
C VAL B 92 -11.01 6.25 12.69
N ASN B 93 -11.72 7.01 13.49
CA ASN B 93 -11.26 8.29 14.02
C ASN B 93 -10.79 8.06 15.45
N TRP B 94 -9.50 7.79 15.60
CA TRP B 94 -8.97 7.41 16.90
C TRP B 94 -9.15 8.52 17.92
N LYS B 95 -9.68 8.14 19.09
CA LYS B 95 -9.95 9.11 20.14
C LYS B 95 -8.80 9.30 21.11
N PHE B 96 -7.74 8.52 20.96
CA PHE B 96 -6.54 8.64 21.77
C PHE B 96 -5.31 9.02 20.96
N SER B 97 -5.39 8.97 19.64
CA SER B 97 -4.29 9.28 18.75
C SER B 97 -4.70 10.43 17.83
N GLU B 98 -3.72 11.00 17.14
CA GLU B 98 -3.96 12.03 16.15
C GLU B 98 -3.98 11.49 14.73
N SER B 99 -3.98 10.17 14.58
CA SER B 99 -3.94 9.52 13.28
C SER B 99 -5.32 9.10 12.84
N THR B 100 -5.40 8.66 11.59
CA THR B 100 -6.63 8.13 11.01
C THR B 100 -6.30 6.84 10.28
N THR B 101 -7.15 5.84 10.43
CA THR B 101 -7.02 4.59 9.70
C THR B 101 -8.26 4.38 8.85
N VAL B 102 -8.07 3.96 7.61
CA VAL B 102 -9.16 3.63 6.71
C VAL B 102 -9.06 2.16 6.36
N PHE B 103 -10.17 1.46 6.43
CA PHE B 103 -10.26 0.05 6.11
C PHE B 103 -11.08 -0.14 4.84
N THR B 104 -10.65 -1.06 3.99
CA THR B 104 -11.44 -1.44 2.83
C THR B 104 -11.25 -2.93 2.60
N GLY B 105 -12.34 -3.60 2.26
CA GLY B 105 -12.28 -5.04 2.09
C GLY B 105 -13.60 -5.57 1.59
N GLN B 106 -13.80 -6.87 1.81
CA GLN B 106 -14.99 -7.54 1.32
C GLN B 106 -15.38 -8.64 2.30
N CYS B 107 -16.67 -8.92 2.35
CA CYS B 107 -17.21 -9.98 3.18
C CYS B 107 -17.23 -11.28 2.39
N PHE B 108 -16.75 -12.36 3.01
CA PHE B 108 -16.69 -13.66 2.36
C PHE B 108 -17.33 -14.71 3.24
N ILE B 109 -18.00 -15.67 2.61
CA ILE B 109 -18.50 -16.86 3.29
C ILE B 109 -17.54 -18.00 2.93
N ASP B 110 -16.68 -18.37 3.86
CA ASP B 110 -15.58 -19.27 3.55
C ASP B 110 -16.11 -20.68 3.29
N ARG B 111 -15.18 -21.61 3.10
CA ARG B 111 -15.55 -22.99 2.76
C ARG B 111 -16.58 -23.55 3.73
N ASN B 112 -16.37 -23.34 5.03
CA ASN B 112 -17.26 -23.90 6.03
C ASN B 112 -18.64 -23.25 5.97
N GLY B 113 -18.69 -21.93 5.87
CA GLY B 113 -19.94 -21.21 5.91
C GLY B 113 -19.91 -20.08 6.93
N LYS B 114 -18.73 -19.76 7.43
CA LYS B 114 -18.54 -18.69 8.39
C LYS B 114 -18.09 -17.43 7.66
N GLU B 115 -18.65 -16.29 8.08
CA GLU B 115 -18.31 -15.02 7.45
C GLU B 115 -16.90 -14.58 7.81
N VAL B 116 -16.21 -13.98 6.84
CA VAL B 116 -14.88 -13.42 7.06
C VAL B 116 -14.80 -12.09 6.34
N LEU B 117 -14.26 -11.08 7.02
CA LEU B 117 -13.97 -9.80 6.38
C LEU B 117 -12.48 -9.73 6.10
N LYS B 118 -12.13 -9.68 4.83
CA LYS B 118 -10.75 -9.51 4.40
C LYS B 118 -10.55 -8.04 4.06
N THR B 119 -9.68 -7.36 4.80
CA THR B 119 -9.52 -5.93 4.66
C THR B 119 -8.04 -5.59 4.55
N MET B 120 -7.77 -4.49 3.85
CA MET B 120 -6.50 -3.80 3.90
C MET B 120 -6.75 -2.40 4.44
N TRP B 121 -5.76 -1.84 5.11
CA TRP B 121 -5.94 -0.56 5.74
C TRP B 121 -4.76 0.36 5.46
N LEU B 122 -5.01 1.66 5.61
CA LEU B 122 -3.97 2.67 5.58
C LEU B 122 -4.04 3.44 6.89
N LEU B 123 -2.91 3.58 7.56
CA LEU B 123 -2.81 4.36 8.78
C LEU B 123 -2.07 5.65 8.46
N ARG B 124 -2.73 6.78 8.67
CA ARG B 124 -2.15 8.08 8.40
C ARG B 124 -1.74 8.73 9.71
N SER B 125 -0.45 9.01 9.85
CA SER B 125 0.05 9.75 10.99
C SER B 125 0.02 11.24 10.69
N SER B 126 0.09 12.03 11.76
CA SER B 126 0.16 13.48 11.63
C SER B 126 1.62 13.91 11.54
N VAL B 127 1.93 14.72 10.53
CA VAL B 127 3.26 15.28 10.34
C VAL B 127 3.13 16.80 10.30
N ASN B 128 4.06 17.48 10.97
CA ASN B 128 3.98 18.93 11.10
C ASN B 128 4.33 19.66 9.83
N ASP B 129 4.99 19.00 8.88
CA ASP B 129 5.45 19.65 7.66
C ASP B 129 5.07 18.81 6.46
N ILE B 130 4.78 19.50 5.35
CA ILE B 130 4.48 18.78 4.11
C ILE B 130 5.71 18.08 3.56
N GLY B 131 6.91 18.46 4.03
CA GLY B 131 8.12 17.77 3.64
C GLY B 131 8.27 16.41 4.26
N ASP B 132 7.61 16.16 5.39
CA ASP B 132 7.62 14.86 6.04
C ASP B 132 6.48 13.96 5.57
N ASP B 133 5.66 14.42 4.64
CA ASP B 133 4.47 13.67 4.25
C ASP B 133 4.81 12.30 3.67
N TRP B 134 6.03 12.14 3.14
CA TRP B 134 6.37 10.87 2.47
C TRP B 134 6.34 9.69 3.44
N LYS B 135 6.54 9.94 4.73
CA LYS B 135 6.70 8.87 5.71
C LYS B 135 5.48 8.73 6.61
N ALA B 136 4.34 9.30 6.23
CA ALA B 136 3.19 9.40 7.12
C ALA B 136 2.17 8.27 6.95
N THR B 137 2.30 7.42 5.95
CA THR B 137 1.28 6.43 5.64
C THR B 137 1.81 5.02 5.87
N ARG B 138 1.12 4.25 6.69
CA ARG B 138 1.38 2.84 6.88
C ARG B 138 0.30 2.03 6.19
N VAL B 139 0.64 0.80 5.82
CA VAL B 139 -0.29 -0.09 5.15
C VAL B 139 -0.22 -1.46 5.81
N GLY B 140 -1.33 -2.18 5.76
CA GLY B 140 -1.41 -3.48 6.39
C GLY B 140 -2.75 -4.12 6.13
N ILE B 141 -2.90 -5.34 6.62
CA ILE B 141 -4.12 -6.12 6.39
C ILE B 141 -4.71 -6.49 7.74
N ASN B 142 -5.99 -6.84 7.71
CA ASN B 142 -6.66 -7.40 8.87
C ASN B 142 -7.71 -8.40 8.39
N ILE B 143 -7.88 -9.47 9.15
CA ILE B 143 -8.92 -10.47 8.88
C ILE B 143 -9.86 -10.47 10.07
N PHE B 144 -11.13 -10.20 9.81
CA PHE B 144 -12.14 -10.11 10.85
C PHE B 144 -13.03 -11.34 10.80
N THR B 145 -13.28 -11.94 11.95
CA THR B 145 -14.25 -13.00 12.10
C THR B 145 -15.28 -12.59 13.14
N ARG B 146 -16.45 -13.21 13.06
CA ARG B 146 -17.52 -12.85 13.98
C ARG B 146 -17.22 -13.32 15.38
N LEU B 147 -17.64 -12.53 16.35
CA LEU B 147 -17.47 -12.86 17.76
C LEU B 147 -18.63 -13.71 18.26
N LYS C 27 14.14 6.51 -26.31
CA LYS C 27 14.09 5.26 -25.57
C LYS C 27 13.88 5.53 -24.09
N CYS C 28 13.37 4.54 -23.37
CA CYS C 28 13.08 4.67 -21.94
C CYS C 28 13.88 3.58 -21.23
N SER C 29 15.15 3.86 -20.95
CA SER C 29 16.08 2.89 -20.41
C SER C 29 16.45 3.26 -18.98
N LEU C 30 16.43 2.27 -18.09
CA LEU C 30 16.73 2.52 -16.69
C LEU C 30 18.16 2.98 -16.47
N THR C 31 19.07 2.62 -17.36
CA THR C 31 20.47 3.00 -17.19
C THR C 31 20.62 4.52 -17.18
N GLY C 32 21.38 5.02 -16.22
CA GLY C 32 21.70 6.43 -16.13
C GLY C 32 21.34 6.97 -14.78
N LYS C 33 21.34 8.30 -14.67
CA LYS C 33 21.08 8.98 -13.42
C LYS C 33 19.65 9.49 -13.38
N TRP C 34 19.04 9.43 -12.20
CA TRP C 34 17.67 9.84 -12.00
C TRP C 34 17.56 10.65 -10.72
N THR C 35 16.50 11.44 -10.64
CA THR C 35 16.18 12.22 -9.46
C THR C 35 14.67 12.23 -9.28
N ASN C 36 14.21 12.10 -8.05
CA ASN C 36 12.78 12.03 -7.79
C ASN C 36 12.28 13.32 -7.15
N ASP C 37 10.98 13.33 -6.85
CA ASP C 37 10.32 14.53 -6.35
C ASP C 37 10.81 14.95 -4.97
N LEU C 38 11.44 14.05 -4.22
CA LEU C 38 12.02 14.39 -2.93
C LEU C 38 13.45 14.89 -3.04
N GLY C 39 14.03 14.85 -4.23
CA GLY C 39 15.43 15.20 -4.40
C GLY C 39 16.40 14.05 -4.28
N SER C 40 15.91 12.82 -4.15
CA SER C 40 16.80 11.67 -4.05
C SER C 40 17.52 11.42 -5.37
N ASN C 41 18.78 11.02 -5.28
CA ASN C 41 19.59 10.73 -6.45
C ASN C 41 19.42 9.26 -6.76
N MET C 42 19.68 8.87 -8.00
CA MET C 42 19.66 7.45 -8.33
C MET C 42 20.47 7.22 -9.60
N THR C 43 21.49 6.37 -9.50
CA THR C 43 22.27 5.97 -10.65
C THR C 43 22.10 4.47 -10.88
N ILE C 44 21.70 4.10 -12.08
CA ILE C 44 21.48 2.71 -12.46
C ILE C 44 22.49 2.35 -13.54
N GLY C 45 23.14 1.20 -13.38
CA GLY C 45 24.10 0.72 -14.34
C GLY C 45 23.44 0.01 -15.50
N ALA C 46 24.27 -0.66 -16.30
CA ALA C 46 23.76 -1.38 -17.45
C ALA C 46 22.79 -2.47 -17.03
N VAL C 47 21.78 -2.68 -17.87
CA VAL C 47 20.82 -3.76 -17.68
C VAL C 47 21.25 -4.93 -18.55
N ASN C 48 21.49 -6.08 -17.93
CA ASN C 48 22.00 -7.23 -18.66
C ASN C 48 20.87 -7.92 -19.42
N SER C 49 21.24 -8.93 -20.21
CA SER C 49 20.27 -9.61 -21.05
C SER C 49 19.15 -10.25 -20.25
N ARG C 50 19.37 -10.50 -18.96
CA ARG C 50 18.32 -11.04 -18.10
C ARG C 50 17.52 -9.94 -17.40
N GLY C 51 17.80 -8.67 -17.69
CA GLY C 51 17.08 -7.59 -17.08
C GLY C 51 17.56 -7.19 -15.70
N GLU C 52 18.68 -7.71 -15.24
CA GLU C 52 19.22 -7.34 -13.94
C GLU C 52 20.06 -6.08 -14.05
N PHE C 53 20.01 -5.28 -12.98
CA PHE C 53 20.80 -4.06 -12.92
C PHE C 53 21.12 -3.77 -11.46
N THR C 54 22.22 -3.08 -11.25
CA THR C 54 22.61 -2.57 -9.95
C THR C 54 22.73 -1.05 -10.03
N GLY C 55 22.96 -0.44 -8.88
CA GLY C 55 23.12 1.00 -8.85
C GLY C 55 23.29 1.49 -7.44
N THR C 56 23.28 2.80 -7.29
CA THR C 56 23.38 3.45 -5.99
C THR C 56 22.24 4.42 -5.81
N TYR C 57 21.79 4.57 -4.57
CA TYR C 57 20.67 5.43 -4.24
C TYR C 57 21.12 6.40 -3.15
N ILE C 58 20.94 7.69 -3.39
CA ILE C 58 21.24 8.74 -2.42
C ILE C 58 19.93 9.42 -2.09
N THR C 59 19.39 9.13 -0.92
CA THR C 59 18.13 9.73 -0.50
C THR C 59 18.36 11.13 0.04
N ALA C 60 17.44 12.04 -0.30
CA ALA C 60 17.49 13.38 0.25
C ALA C 60 16.83 13.44 1.62
N VAL C 61 15.88 12.54 1.89
CA VAL C 61 15.07 12.56 3.10
C VAL C 61 15.33 11.29 3.89
N THR C 62 15.51 11.44 5.19
CA THR C 62 15.68 10.30 6.09
C THR C 62 14.98 10.60 7.40
N ALA C 63 14.38 9.57 7.99
CA ALA C 63 13.79 9.68 9.31
C ALA C 63 14.77 9.32 10.42
N THR C 64 15.96 8.84 10.08
CA THR C 64 16.94 8.47 11.07
C THR C 64 17.72 9.69 11.54
N SER C 65 18.43 9.52 12.65
CA SER C 65 19.36 10.52 13.13
C SER C 65 20.76 10.33 12.55
N ASN C 66 20.99 9.24 11.83
CA ASN C 66 22.26 9.01 11.17
C ASN C 66 22.41 9.89 9.94
N GLU C 67 23.66 10.17 9.57
CA GLU C 67 23.92 10.86 8.32
C GLU C 67 23.58 9.95 7.15
N ILE C 68 22.92 10.51 6.14
CA ILE C 68 22.57 9.73 4.96
C ILE C 68 23.85 9.31 4.25
N LYS C 69 23.82 8.11 3.68
CA LYS C 69 24.96 7.60 2.93
C LYS C 69 24.47 6.88 1.68
N GLU C 70 25.30 6.90 0.64
CA GLU C 70 24.97 6.22 -0.59
C GLU C 70 24.72 4.74 -0.34
N SER C 71 23.65 4.22 -0.91
CA SER C 71 23.25 2.84 -0.65
C SER C 71 23.12 2.07 -1.96
N PRO C 72 23.55 0.82 -1.98
CA PRO C 72 23.40 0.01 -3.19
C PRO C 72 21.95 -0.36 -3.46
N LEU C 73 21.62 -0.49 -4.73
CA LEU C 73 20.32 -0.97 -5.15
C LEU C 73 20.49 -2.10 -6.15
N HIS C 74 19.58 -3.07 -6.08
CA HIS C 74 19.58 -4.21 -6.98
C HIS C 74 18.17 -4.45 -7.45
N GLY C 75 18.00 -4.68 -8.76
CA GLY C 75 16.68 -4.91 -9.27
C GLY C 75 16.78 -5.57 -10.62
N THR C 76 15.61 -5.82 -11.19
CA THR C 76 15.49 -6.37 -12.53
C THR C 76 14.32 -5.69 -13.22
N GLN C 77 14.35 -5.68 -14.53
CA GLN C 77 13.25 -5.17 -15.33
C GLN C 77 12.68 -6.31 -16.16
N ASN C 78 11.35 -6.32 -16.30
CA ASN C 78 10.68 -7.39 -17.03
C ASN C 78 11.13 -7.40 -18.48
N THR C 79 11.42 -8.59 -19.00
CA THR C 79 11.91 -8.75 -20.36
C THR C 79 10.88 -9.40 -21.27
N ILE C 80 9.65 -9.60 -20.79
CA ILE C 80 8.62 -10.25 -21.59
C ILE C 80 8.08 -9.27 -22.62
N ASN C 81 8.08 -9.68 -23.88
CA ASN C 81 7.52 -8.96 -25.02
C ASN C 81 8.41 -7.81 -25.49
N LYS C 82 9.58 -7.60 -24.89
CA LYS C 82 10.47 -6.51 -25.30
C LYS C 82 9.74 -5.17 -25.26
N ARG C 83 8.97 -4.95 -24.20
CA ARG C 83 8.15 -3.77 -24.11
C ARG C 83 9.01 -2.51 -24.07
N THR C 84 8.56 -1.47 -24.77
CA THR C 84 9.27 -0.20 -24.77
C THR C 84 9.16 0.52 -23.44
N GLN C 85 8.20 0.14 -22.60
CA GLN C 85 8.04 0.70 -21.26
C GLN C 85 7.86 -0.45 -20.27
N PRO C 86 8.88 -1.28 -20.11
CA PRO C 86 8.75 -2.45 -19.24
C PRO C 86 8.68 -2.07 -17.77
N THR C 87 8.02 -2.92 -17.00
CA THR C 87 7.98 -2.74 -15.56
C THR C 87 9.31 -3.17 -14.94
N PHE C 88 9.56 -2.71 -13.72
CA PHE C 88 10.81 -3.00 -13.05
C PHE C 88 10.59 -2.96 -11.55
N GLY C 89 11.52 -3.54 -10.83
CA GLY C 89 11.55 -3.41 -9.38
C GLY C 89 12.99 -3.46 -8.92
N PHE C 90 13.25 -2.83 -7.78
CA PHE C 90 14.57 -2.92 -7.21
C PHE C 90 14.48 -2.74 -5.71
N THR C 91 15.52 -3.20 -5.02
CA THR C 91 15.63 -3.13 -3.58
C THR C 91 16.76 -2.19 -3.21
N VAL C 92 16.51 -1.30 -2.27
CA VAL C 92 17.53 -0.42 -1.73
C VAL C 92 17.90 -0.92 -0.34
N ASN C 93 19.16 -1.27 -0.17
CA ASN C 93 19.69 -1.78 1.09
C ASN C 93 20.41 -0.63 1.78
N TRP C 94 19.69 0.08 2.64
CA TRP C 94 20.21 1.29 3.25
C TRP C 94 21.44 0.99 4.09
N LYS C 95 22.50 1.76 3.89
CA LYS C 95 23.76 1.56 4.58
C LYS C 95 23.86 2.34 5.87
N PHE C 96 22.87 3.17 6.18
CA PHE C 96 22.81 3.93 7.41
C PHE C 96 21.61 3.59 8.27
N SER C 97 20.66 2.82 7.74
CA SER C 97 19.45 2.43 8.44
C SER C 97 19.35 0.91 8.45
N GLU C 98 18.48 0.39 9.32
CA GLU C 98 18.22 -1.03 9.39
C GLU C 98 16.99 -1.43 8.58
N SER C 99 16.45 -0.51 7.79
CA SER C 99 15.25 -0.75 7.01
C SER C 99 15.60 -1.15 5.58
N THR C 100 14.58 -1.57 4.85
CA THR C 100 14.69 -1.89 3.43
C THR C 100 13.54 -1.24 2.69
N THR C 101 13.83 -0.67 1.54
CA THR C 101 12.81 -0.11 0.66
C THR C 101 12.84 -0.85 -0.67
N VAL C 102 11.66 -1.19 -1.19
CA VAL C 102 11.52 -1.81 -2.49
C VAL C 102 10.73 -0.87 -3.37
N PHE C 103 11.20 -0.66 -4.59
CA PHE C 103 10.56 0.19 -5.57
C PHE C 103 10.03 -0.67 -6.72
N THR C 104 8.85 -0.33 -7.21
CA THR C 104 8.33 -0.97 -8.40
C THR C 104 7.57 0.09 -9.21
N GLY C 105 7.73 0.05 -10.52
CA GLY C 105 7.11 1.04 -11.36
C GLY C 105 7.34 0.73 -12.82
N GLN C 106 7.20 1.77 -13.64
CA GLN C 106 7.31 1.60 -15.08
C GLN C 106 7.91 2.87 -15.67
N CYS C 107 8.62 2.70 -16.78
CA CYS C 107 9.21 3.81 -17.52
C CYS C 107 8.22 4.32 -18.54
N PHE C 108 8.05 5.64 -18.60
CA PHE C 108 7.11 6.26 -19.52
C PHE C 108 7.80 7.36 -20.30
N ILE C 109 7.45 7.47 -21.59
CA ILE C 109 7.87 8.58 -22.42
C ILE C 109 6.70 9.55 -22.46
N ASP C 110 6.80 10.64 -21.70
CA ASP C 110 5.65 11.51 -21.48
C ASP C 110 5.30 12.23 -22.78
N ARG C 111 4.31 13.14 -22.70
CA ARG C 111 3.81 13.84 -23.87
C ARG C 111 4.95 14.47 -24.66
N ASN C 112 5.86 15.16 -23.97
CA ASN C 112 6.92 15.91 -24.65
C ASN C 112 7.95 14.97 -25.26
N GLY C 113 8.39 13.97 -24.50
CA GLY C 113 9.48 13.12 -24.92
C GLY C 113 10.41 12.81 -23.76
N LYS C 114 10.11 13.39 -22.61
CA LYS C 114 10.85 13.08 -21.40
C LYS C 114 10.57 11.67 -20.93
N GLU C 115 11.60 11.02 -20.39
CA GLU C 115 11.41 9.75 -19.72
C GLU C 115 11.02 10.00 -18.26
N VAL C 116 10.05 9.24 -17.78
CA VAL C 116 9.59 9.34 -16.40
C VAL C 116 9.46 7.94 -15.83
N LEU C 117 9.99 7.74 -14.63
CA LEU C 117 9.77 6.50 -13.89
C LEU C 117 8.71 6.78 -12.84
N LYS C 118 7.55 6.16 -13.01
CA LYS C 118 6.48 6.22 -12.02
C LYS C 118 6.60 4.99 -11.13
N THR C 119 6.86 5.20 -9.85
CA THR C 119 7.13 4.09 -8.95
C THR C 119 6.29 4.23 -7.69
N MET C 120 5.97 3.10 -7.09
CA MET C 120 5.48 3.01 -5.73
C MET C 120 6.47 2.19 -4.94
N TRP C 121 6.58 2.48 -3.64
CA TRP C 121 7.57 1.82 -2.82
C TRP C 121 6.96 1.35 -1.51
N LEU C 122 7.64 0.38 -0.90
CA LEU C 122 7.34 -0.07 0.45
C LEU C 122 8.60 0.08 1.28
N LEU C 123 8.48 0.73 2.43
CA LEU C 123 9.59 0.88 3.36
C LEU C 123 9.33 -0.04 4.55
N ARG C 124 10.24 -0.97 4.79
CA ARG C 124 10.12 -1.92 5.88
C ARG C 124 11.06 -1.52 6.99
N SER C 125 10.50 -1.24 8.16
CA SER C 125 11.31 -0.99 9.34
C SER C 125 11.57 -2.29 10.08
N SER C 126 12.59 -2.25 10.94
CA SER C 126 12.92 -3.38 11.78
C SER C 126 12.13 -3.29 13.09
N VAL C 127 11.44 -4.37 13.44
CA VAL C 127 10.70 -4.45 14.68
C VAL C 127 11.24 -5.62 15.48
N ASN C 128 11.34 -5.43 16.80
CA ASN C 128 11.97 -6.44 17.65
C ASN C 128 11.09 -7.68 17.81
N ASP C 129 9.78 -7.52 17.70
CA ASP C 129 8.85 -8.61 17.99
C ASP C 129 7.91 -8.78 16.80
N ILE C 130 7.47 -10.03 16.59
CA ILE C 130 6.51 -10.30 15.54
C ILE C 130 5.16 -9.68 15.87
N GLY C 131 4.91 -9.34 17.14
CA GLY C 131 3.69 -8.66 17.51
C GLY C 131 3.62 -7.22 17.05
N ASP C 132 4.77 -6.59 16.79
CA ASP C 132 4.83 -5.23 16.26
C ASP C 132 4.86 -5.19 14.74
N ASP C 133 4.80 -6.34 14.08
CA ASP C 133 4.95 -6.38 12.63
C ASP C 133 3.88 -5.58 11.90
N TRP C 134 2.72 -5.37 12.52
CA TRP C 134 1.62 -4.70 11.84
C TRP C 134 1.99 -3.27 11.46
N LYS C 135 2.90 -2.64 12.20
CA LYS C 135 3.20 -1.23 12.02
C LYS C 135 4.53 -0.99 11.32
N ALA C 136 5.10 -2.01 10.68
CA ALA C 136 6.46 -1.93 10.19
C ALA C 136 6.58 -1.50 8.72
N THR C 137 5.47 -1.41 7.99
CA THR C 137 5.52 -1.16 6.55
C THR C 137 4.92 0.20 6.22
N ARG C 138 5.70 1.02 5.53
CA ARG C 138 5.23 2.28 4.97
C ARG C 138 5.10 2.14 3.46
N VAL C 139 4.22 2.96 2.89
CA VAL C 139 3.97 2.94 1.46
C VAL C 139 3.99 4.37 0.94
N GLY C 140 4.38 4.53 -0.32
CA GLY C 140 4.47 5.84 -0.91
C GLY C 140 4.85 5.73 -2.36
N ILE C 141 4.91 6.89 -3.02
CA ILE C 141 5.21 6.96 -4.44
C ILE C 141 6.43 7.83 -4.65
N ASN C 142 7.05 7.66 -5.82
CA ASN C 142 8.12 8.53 -6.25
C ASN C 142 8.05 8.66 -7.77
N ILE C 143 8.37 9.85 -8.27
CA ILE C 143 8.46 10.12 -9.69
C ILE C 143 9.89 10.49 -10.00
N PHE C 144 10.53 9.74 -10.89
CA PHE C 144 11.93 9.94 -11.24
C PHE C 144 12.01 10.55 -12.63
N THR C 145 12.82 11.60 -12.76
CA THR C 145 13.16 12.16 -14.05
C THR C 145 14.67 12.12 -14.23
N ARG C 146 15.10 12.16 -15.49
CA ARG C 146 16.51 12.08 -15.77
C ARG C 146 17.24 13.34 -15.35
N LEU C 147 18.47 13.17 -14.88
CA LEU C 147 19.31 14.29 -14.48
C LEU C 147 20.08 14.83 -15.68
N LYS D 27 18.17 -20.10 14.03
CA LYS D 27 18.56 -19.00 13.17
C LYS D 27 17.46 -18.67 12.18
N CYS D 28 17.41 -17.42 11.73
CA CYS D 28 16.37 -16.95 10.81
C CYS D 28 17.09 -16.50 9.54
N SER D 29 17.39 -17.45 8.67
CA SER D 29 18.18 -17.22 7.47
C SER D 29 17.32 -17.38 6.24
N LEU D 30 17.44 -16.45 5.30
CA LEU D 30 16.62 -16.48 4.10
C LEU D 30 16.94 -17.69 3.21
N THR D 31 18.15 -18.21 3.29
CA THR D 31 18.54 -19.34 2.46
C THR D 31 17.65 -20.54 2.73
N GLY D 32 17.17 -21.16 1.66
CA GLY D 32 16.39 -22.37 1.74
C GLY D 32 15.08 -22.22 1.02
N LYS D 33 14.19 -23.17 1.24
CA LYS D 33 12.90 -23.22 0.59
C LYS D 33 11.81 -22.66 1.50
N TRP D 34 10.86 -21.95 0.91
CA TRP D 34 9.77 -21.33 1.64
C TRP D 34 8.47 -21.54 0.89
N THR D 35 7.37 -21.43 1.63
CA THR D 35 6.03 -21.52 1.07
C THR D 35 5.15 -20.52 1.79
N ASN D 36 4.28 -19.83 1.06
CA ASN D 36 3.44 -18.82 1.67
C ASN D 36 1.99 -19.29 1.76
N ASP D 37 1.14 -18.40 2.27
CA ASP D 37 -0.25 -18.75 2.55
C ASP D 37 -1.05 -19.03 1.28
N LEU D 38 -0.59 -18.59 0.12
CA LEU D 38 -1.25 -18.90 -1.14
C LEU D 38 -0.77 -20.20 -1.75
N GLY D 39 0.26 -20.82 -1.18
CA GLY D 39 0.86 -22.01 -1.76
C GLY D 39 2.01 -21.76 -2.68
N SER D 40 2.47 -20.52 -2.80
CA SER D 40 3.61 -20.22 -3.66
C SER D 40 4.90 -20.81 -3.09
N ASN D 41 5.76 -21.30 -3.97
CA ASN D 41 7.04 -21.88 -3.60
C ASN D 41 8.06 -20.76 -3.62
N MET D 42 9.13 -20.92 -2.87
CA MET D 42 10.22 -19.94 -2.94
C MET D 42 11.51 -20.59 -2.48
N THR D 43 12.52 -20.61 -3.34
CA THR D 43 13.84 -21.09 -2.97
C THR D 43 14.82 -19.93 -3.07
N ILE D 44 15.54 -19.69 -1.98
CA ILE D 44 16.54 -18.62 -1.90
C ILE D 44 17.91 -19.26 -1.71
N GLY D 45 18.88 -18.79 -2.49
CA GLY D 45 20.23 -19.29 -2.40
C GLY D 45 21.01 -18.61 -1.29
N ALA D 46 22.32 -18.84 -1.30
CA ALA D 46 23.17 -18.27 -0.27
C ALA D 46 23.13 -16.75 -0.31
N VAL D 47 23.22 -16.16 0.87
CA VAL D 47 23.29 -14.71 1.02
C VAL D 47 24.76 -14.33 1.17
N ASN D 48 25.26 -13.50 0.27
CA ASN D 48 26.67 -13.15 0.28
C ASN D 48 26.97 -12.11 1.36
N SER D 49 28.25 -11.79 1.52
CA SER D 49 28.66 -10.88 2.57
C SER D 49 28.02 -9.51 2.42
N ARG D 50 27.56 -9.15 1.24
CA ARG D 50 26.87 -7.88 1.03
C ARG D 50 25.35 -8.01 1.21
N GLY D 51 24.86 -9.19 1.58
CA GLY D 51 23.45 -9.37 1.77
C GLY D 51 22.65 -9.64 0.51
N GLU D 52 23.30 -9.87 -0.62
CA GLU D 52 22.60 -10.17 -1.85
C GLU D 52 22.29 -11.65 -1.95
N PHE D 53 21.15 -11.96 -2.56
CA PHE D 53 20.75 -13.33 -2.77
C PHE D 53 19.89 -13.40 -4.03
N THR D 54 19.90 -14.56 -4.66
CA THR D 54 19.03 -14.86 -5.78
C THR D 54 18.18 -16.07 -5.42
N GLY D 55 17.25 -16.40 -6.30
CA GLY D 55 16.40 -17.55 -6.08
C GLY D 55 15.37 -17.67 -7.16
N THR D 56 14.44 -18.59 -6.96
CA THR D 56 13.34 -18.82 -7.88
C THR D 56 12.03 -18.77 -7.13
N TYR D 57 10.99 -18.30 -7.81
CA TYR D 57 9.68 -18.14 -7.22
C TYR D 57 8.67 -18.87 -8.10
N ILE D 58 7.90 -19.76 -7.49
CA ILE D 58 6.83 -20.49 -8.18
C ILE D 58 5.53 -20.08 -7.52
N THR D 59 4.76 -19.24 -8.20
CA THR D 59 3.49 -18.77 -7.66
C THR D 59 2.40 -19.81 -7.87
N ALA D 60 1.55 -19.99 -6.87
CA ALA D 60 0.41 -20.87 -7.01
C ALA D 60 -0.76 -20.17 -7.69
N VAL D 61 -0.83 -18.85 -7.57
CA VAL D 61 -1.95 -18.05 -8.05
C VAL D 61 -1.47 -17.09 -9.13
N THR D 62 -2.21 -17.00 -10.22
CA THR D 62 -1.92 -16.06 -11.29
C THR D 62 -3.22 -15.52 -11.84
N ALA D 63 -3.22 -14.24 -12.19
CA ALA D 63 -4.35 -13.63 -12.86
C ALA D 63 -4.26 -13.73 -14.38
N THR D 64 -3.14 -14.21 -14.91
CA THR D 64 -2.97 -14.32 -16.35
C THR D 64 -3.60 -15.60 -16.86
N SER D 65 -3.81 -15.65 -18.17
CA SER D 65 -4.22 -16.88 -18.84
C SER D 65 -3.04 -17.75 -19.23
N ASN D 66 -1.82 -17.27 -19.05
CA ASN D 66 -0.64 -18.05 -19.33
C ASN D 66 -0.41 -19.10 -18.25
N GLU D 67 0.26 -20.18 -18.64
CA GLU D 67 0.72 -21.15 -17.65
C GLU D 67 1.77 -20.51 -16.75
N ILE D 68 1.67 -20.80 -15.45
CA ILE D 68 2.65 -20.28 -14.50
C ILE D 68 4.00 -20.95 -14.77
N LYS D 69 5.08 -20.19 -14.60
CA LYS D 69 6.42 -20.73 -14.77
C LYS D 69 7.33 -20.19 -13.69
N GLU D 70 8.34 -20.98 -13.35
CA GLU D 70 9.32 -20.58 -12.36
C GLU D 70 9.98 -19.26 -12.77
N SER D 71 10.08 -18.34 -11.83
CA SER D 71 10.60 -17.02 -12.14
C SER D 71 11.77 -16.68 -11.22
N PRO D 72 12.81 -16.04 -11.75
CA PRO D 72 13.93 -15.64 -10.91
C PRO D 72 13.57 -14.51 -9.96
N LEU D 73 14.22 -14.51 -8.80
CA LEU D 73 14.09 -13.43 -7.85
C LEU D 73 15.47 -12.95 -7.43
N HIS D 74 15.57 -11.65 -7.19
CA HIS D 74 16.81 -11.02 -6.76
C HIS D 74 16.51 -10.06 -5.63
N GLY D 75 17.31 -10.11 -4.58
CA GLY D 75 17.07 -9.21 -3.47
C GLY D 75 18.30 -9.08 -2.60
N THR D 76 18.16 -8.26 -1.58
CA THR D 76 19.20 -8.06 -0.59
C THR D 76 18.57 -8.05 0.79
N GLN D 77 19.36 -8.37 1.79
CA GLN D 77 18.95 -8.29 3.18
C GLN D 77 19.84 -7.30 3.89
N ASN D 78 19.24 -6.47 4.74
CA ASN D 78 19.99 -5.47 5.48
C ASN D 78 20.99 -6.14 6.42
N THR D 79 22.20 -5.59 6.48
CA THR D 79 23.27 -6.13 7.31
C THR D 79 23.91 -5.10 8.21
N ILE D 80 23.17 -4.06 8.59
CA ILE D 80 23.77 -2.92 9.28
C ILE D 80 24.26 -3.30 10.67
N ASN D 81 23.42 -4.00 11.44
CA ASN D 81 23.75 -4.34 12.81
C ASN D 81 23.78 -5.85 13.04
N LYS D 82 23.89 -6.63 11.97
CA LYS D 82 23.92 -8.08 12.08
C LYS D 82 22.73 -8.58 12.88
N ARG D 83 21.58 -7.99 12.61
CA ARG D 83 20.37 -8.30 13.38
C ARG D 83 19.98 -9.75 13.19
N THR D 84 19.49 -10.38 14.27
CA THR D 84 19.04 -11.76 14.18
C THR D 84 17.81 -11.89 13.30
N GLN D 85 17.10 -10.78 13.10
CA GLN D 85 15.92 -10.76 12.24
C GLN D 85 16.00 -9.58 11.29
N PRO D 86 16.96 -9.56 10.36
CA PRO D 86 17.11 -8.40 9.48
C PRO D 86 15.99 -8.25 8.47
N THR D 87 15.74 -7.02 8.03
CA THR D 87 14.78 -6.79 6.97
C THR D 87 15.40 -7.17 5.62
N PHE D 88 14.53 -7.38 4.64
CA PHE D 88 14.98 -7.79 3.32
C PHE D 88 13.98 -7.32 2.28
N GLY D 89 14.42 -7.32 1.04
CA GLY D 89 13.52 -7.09 -0.08
C GLY D 89 14.04 -7.85 -1.28
N PHE D 90 13.12 -8.21 -2.17
CA PHE D 90 13.53 -8.84 -3.40
C PHE D 90 12.50 -8.56 -4.49
N THR D 91 12.95 -8.72 -5.72
CA THR D 91 12.13 -8.48 -6.89
C THR D 91 11.91 -9.81 -7.60
N VAL D 92 10.67 -10.07 -8.00
CA VAL D 92 10.33 -11.25 -8.79
C VAL D 92 10.05 -10.77 -10.21
N ASN D 93 10.82 -11.29 -11.15
CA ASN D 93 10.70 -10.94 -12.56
C ASN D 93 9.94 -12.08 -13.24
N TRP D 94 8.62 -11.93 -13.34
CA TRP D 94 7.78 -13.01 -13.82
C TRP D 94 8.12 -13.37 -15.25
N LYS D 95 8.30 -14.66 -15.52
CA LYS D 95 8.69 -15.14 -16.83
C LYS D 95 7.50 -15.47 -17.72
N PHE D 96 6.28 -15.39 -17.18
CA PHE D 96 5.07 -15.62 -17.94
C PHE D 96 4.17 -14.40 -18.00
N SER D 97 4.46 -13.36 -17.23
CA SER D 97 3.69 -12.15 -17.17
C SER D 97 4.57 -10.96 -17.54
N GLU D 98 3.95 -9.82 -17.78
CA GLU D 98 4.67 -8.59 -18.04
C GLU D 98 4.77 -7.71 -16.80
N SER D 99 4.38 -8.21 -15.65
CA SER D 99 4.36 -7.45 -14.41
C SER D 99 5.62 -7.74 -13.58
N THR D 100 5.77 -6.95 -12.52
CA THR D 100 6.84 -7.12 -11.56
C THR D 100 6.26 -7.04 -10.16
N THR D 101 6.71 -7.93 -9.28
CA THR D 101 6.32 -7.89 -7.88
C THR D 101 7.57 -7.69 -7.04
N VAL D 102 7.47 -6.82 -6.04
CA VAL D 102 8.54 -6.59 -5.08
C VAL D 102 8.04 -6.98 -3.71
N PHE D 103 8.85 -7.74 -2.98
CA PHE D 103 8.54 -8.18 -1.64
C PHE D 103 9.47 -7.49 -0.64
N THR D 104 8.92 -7.11 0.50
CA THR D 104 9.74 -6.60 1.58
C THR D 104 9.14 -7.08 2.90
N GLY D 105 10.00 -7.47 3.82
CA GLY D 105 9.53 -8.00 5.07
C GLY D 105 10.68 -8.27 6.01
N GLN D 106 10.42 -9.13 6.98
CA GLN D 106 11.40 -9.44 8.01
C GLN D 106 11.24 -10.89 8.43
N CYS D 107 12.34 -11.48 8.87
CA CYS D 107 12.36 -12.86 9.35
C CYS D 107 12.14 -12.88 10.86
N PHE D 108 11.22 -13.72 11.30
CA PHE D 108 10.88 -13.80 12.71
C PHE D 108 10.99 -15.24 13.20
N ILE D 109 11.49 -15.39 14.42
CA ILE D 109 11.48 -16.67 15.12
C ILE D 109 10.29 -16.63 16.07
N ASP D 110 9.20 -17.29 15.68
CA ASP D 110 7.94 -17.12 16.39
C ASP D 110 8.02 -17.74 17.79
N ARG D 111 6.90 -17.73 18.50
CA ARG D 111 6.86 -18.23 19.87
C ARG D 111 7.46 -19.63 19.97
N ASN D 112 7.12 -20.50 19.02
CA ASN D 112 7.57 -21.89 19.08
C ASN D 112 9.07 -21.99 18.85
N GLY D 113 9.58 -21.27 17.84
CA GLY D 113 10.96 -21.41 17.44
C GLY D 113 11.10 -21.65 15.95
N LYS D 114 9.98 -21.58 15.24
CA LYS D 114 9.97 -21.76 13.80
C LYS D 114 10.10 -20.40 13.11
N GLU D 115 10.88 -20.36 12.05
CA GLU D 115 11.08 -19.13 11.30
C GLU D 115 9.84 -18.76 10.50
N VAL D 116 9.56 -17.47 10.43
CA VAL D 116 8.46 -16.94 9.62
C VAL D 116 8.93 -15.69 8.92
N LEU D 117 8.63 -15.58 7.63
CA LEU D 117 8.87 -14.35 6.88
C LEU D 117 7.55 -13.62 6.73
N LYS D 118 7.46 -12.44 7.34
CA LYS D 118 6.29 -11.57 7.18
C LYS D 118 6.63 -10.53 6.14
N THR D 119 5.90 -10.53 5.03
CA THR D 119 6.22 -9.67 3.90
C THR D 119 4.97 -8.94 3.43
N MET D 120 5.18 -7.76 2.88
CA MET D 120 4.21 -7.06 2.08
C MET D 120 4.78 -6.90 0.68
N TRP D 121 3.92 -6.88 -0.32
CA TRP D 121 4.38 -6.82 -1.69
C TRP D 121 3.61 -5.77 -2.49
N LEU D 122 4.23 -5.34 -3.58
CA LEU D 122 3.59 -4.50 -4.58
C LEU D 122 3.66 -5.22 -5.91
N LEU D 123 2.53 -5.34 -6.59
CA LEU D 123 2.48 -5.93 -7.92
C LEU D 123 2.24 -4.80 -8.92
N ARG D 124 3.17 -4.64 -9.85
CA ARG D 124 3.09 -3.60 -10.86
C ARG D 124 2.69 -4.22 -12.19
N SER D 125 1.55 -3.80 -12.71
CA SER D 125 1.13 -4.22 -14.03
C SER D 125 1.66 -3.26 -15.09
N SER D 126 1.68 -3.72 -16.33
CA SER D 126 2.08 -2.90 -17.46
C SER D 126 0.87 -2.15 -18.00
N VAL D 127 0.99 -0.85 -18.14
CA VAL D 127 -0.05 -0.01 -18.71
C VAL D 127 0.51 0.70 -19.92
N ASN D 128 -0.30 0.79 -20.98
CA ASN D 128 0.18 1.34 -22.24
C ASN D 128 0.37 2.86 -22.18
N ASP D 129 -0.26 3.55 -21.26
CA ASP D 129 -0.24 5.00 -21.20
C ASP D 129 0.06 5.45 -19.78
N ILE D 130 0.74 6.59 -19.68
CA ILE D 130 1.01 7.16 -18.36
C ILE D 130 -0.27 7.65 -17.70
N GLY D 131 -1.34 7.85 -18.48
CA GLY D 131 -2.62 8.21 -17.92
C GLY D 131 -3.31 7.09 -17.17
N ASP D 132 -2.96 5.84 -17.48
CA ASP D 132 -3.49 4.68 -16.78
C ASP D 132 -2.63 4.27 -15.59
N ASP D 133 -1.54 5.00 -15.31
CA ASP D 133 -0.62 4.57 -14.27
C ASP D 133 -1.27 4.49 -12.89
N TRP D 134 -2.36 5.22 -12.66
CA TRP D 134 -2.96 5.26 -11.34
C TRP D 134 -3.47 3.89 -10.90
N LYS D 135 -3.82 3.02 -11.85
CA LYS D 135 -4.45 1.75 -11.55
C LYS D 135 -3.52 0.57 -11.71
N ALA D 136 -2.21 0.80 -11.78
CA ALA D 136 -1.27 -0.24 -12.15
C ALA D 136 -0.64 -0.98 -10.97
N THR D 137 -0.85 -0.53 -9.74
CA THR D 137 -0.16 -1.08 -8.58
C THR D 137 -1.14 -1.78 -7.65
N ARG D 138 -0.87 -3.04 -7.36
CA ARG D 138 -1.59 -3.80 -6.35
C ARG D 138 -0.71 -3.98 -5.12
N VAL D 139 -1.35 -4.16 -3.98
CA VAL D 139 -0.65 -4.33 -2.71
C VAL D 139 -1.25 -5.52 -1.97
N GLY D 140 -0.42 -6.18 -1.17
CA GLY D 140 -0.88 -7.34 -0.44
C GLY D 140 0.22 -7.85 0.45
N ILE D 141 -0.10 -8.90 1.20
CA ILE D 141 0.82 -9.48 2.16
C ILE D 141 1.02 -10.95 1.84
N ASN D 142 2.12 -11.50 2.36
CA ASN D 142 2.38 -12.92 2.29
C ASN D 142 3.11 -13.34 3.55
N ILE D 143 2.81 -14.54 4.04
CA ILE D 143 3.50 -15.13 5.17
C ILE D 143 4.18 -16.39 4.68
N PHE D 144 5.50 -16.45 4.84
CA PHE D 144 6.30 -17.57 4.36
C PHE D 144 6.76 -18.41 5.54
N THR D 145 6.60 -19.72 5.42
CA THR D 145 7.14 -20.66 6.38
C THR D 145 8.05 -21.64 5.65
N ARG D 146 8.97 -22.25 6.40
CA ARG D 146 9.91 -23.16 5.79
C ARG D 146 9.23 -24.43 5.33
N LEU D 147 9.71 -24.98 4.23
CA LEU D 147 9.20 -26.24 3.70
C LEU D 147 9.94 -27.42 4.33
C1 NAG E . -13.71 19.43 -11.71
C2 NAG E . -14.34 18.86 -12.97
C3 NAG E . -14.01 19.74 -14.17
C4 NAG E . -14.37 21.18 -13.88
C5 NAG E . -13.83 21.64 -12.52
C6 NAG E . -14.33 23.00 -12.12
C7 NAG E . -14.74 16.50 -13.54
C8 NAG E . -14.11 15.15 -13.74
N2 NAG E . -13.90 17.49 -13.20
O3 NAG E . -14.74 19.28 -15.30
O4 NAG E . -13.79 22.02 -14.88
O5 NAG E . -14.21 20.73 -11.48
O6 NAG E . -15.69 23.19 -12.49
O7 NAG E . -15.94 16.68 -13.70
C1 NAG E . -14.81 22.59 -15.74
C2 NAG E . -14.13 23.61 -16.63
C3 NAG E . -15.14 24.22 -17.59
C4 NAG E . -15.86 23.13 -18.37
C5 NAG E . -16.47 22.10 -17.40
C6 NAG E . -17.08 20.92 -18.10
C7 NAG E . -12.16 24.66 -15.60
C8 NAG E . -11.67 25.81 -14.77
N2 NAG E . -13.48 24.65 -15.85
O3 NAG E . -14.49 25.10 -18.49
O4 NAG E . -16.90 23.69 -19.16
O5 NAG E . -15.45 21.59 -16.54
O6 NAG E . -17.52 21.27 -19.42
O7 NAG E . -11.42 23.79 -16.03
C1 NAG F . -12.73 -8.36 21.69
C2 NAG F . -11.97 -7.84 22.90
C3 NAG F . -11.67 -8.99 23.87
C4 NAG F . -12.94 -9.75 24.19
C5 NAG F . -13.73 -10.10 22.93
C6 NAG F . -15.09 -10.68 23.23
C7 NAG F . -10.35 -6.00 23.01
C8 NAG F . -9.06 -5.45 22.48
N2 NAG F . -10.74 -7.17 22.50
O3 NAG F . -11.11 -8.45 25.06
O4 NAG F . -12.60 -10.97 24.85
O5 NAG F . -13.94 -8.94 22.11
O6 NAG F . -15.70 -10.04 24.34
O7 NAG F . -11.00 -5.41 23.87
C1 NAG F . -13.00 -10.95 26.23
C2 NAG F . -12.79 -12.34 26.79
C3 NAG F . -13.16 -12.37 28.27
C4 NAG F . -12.38 -11.30 29.03
C5 NAG F . -12.59 -9.94 28.38
C6 NAG F . -11.75 -8.85 28.99
C7 NAG F . -13.03 -14.11 25.11
C8 NAG F . -13.97 -15.07 24.46
N2 NAG F . -13.56 -13.33 26.06
O3 NAG F . -12.85 -13.66 28.81
O4 NAG F . -12.82 -11.24 30.39
O5 NAG F . -12.23 -10.00 26.99
O6 NAG F . -11.45 -9.14 30.36
O7 NAG F . -11.84 -14.05 24.81
C1 NAG G . 20.92 14.67 -7.04
C2 NAG G . 21.54 15.22 -5.77
C3 NAG G . 21.71 16.73 -5.89
C4 NAG G . 22.46 17.09 -7.17
C5 NAG G . 21.86 16.37 -8.37
C6 NAG G . 22.70 16.54 -9.63
C7 NAG G . 21.27 14.43 -3.46
C8 NAG G . 20.29 14.13 -2.37
N2 NAG G . 20.74 14.88 -4.60
O3 NAG G . 22.44 17.21 -4.76
O4 NAG G . 22.36 18.49 -7.39
O5 NAG G . 21.76 14.96 -8.14
O6 NAG G . 24.09 16.53 -9.33
O7 NAG G . 22.47 14.30 -3.32
C1 NAG G . 23.63 19.14 -7.20
C2 NAG G . 23.47 20.59 -7.65
C3 NAG G . 24.77 21.35 -7.45
C4 NAG G . 25.23 21.23 -6.01
C5 NAG G . 25.30 19.75 -5.60
C6 NAG G . 25.63 19.56 -4.13
C7 NAG G . 21.79 20.88 -9.42
C8 NAG G . 21.54 20.92 -10.90
N2 NAG G . 23.05 20.67 -9.05
O3 NAG G . 24.59 22.72 -7.78
O4 NAG G . 26.51 21.82 -5.84
O5 NAG G . 24.05 19.11 -5.83
O6 NAG G . 26.38 20.65 -3.63
O7 NAG G . 20.89 21.04 -8.61
C1 NAG H . 5.53 -25.74 -2.96
C2 NAG H . 4.77 -26.24 -4.18
C3 NAG H . 3.98 -27.49 -3.82
C4 NAG H . 4.87 -28.54 -3.16
C5 NAG H . 5.70 -27.92 -2.04
C6 NAG H . 6.75 -28.87 -1.49
C7 NAG H . 3.82 -24.94 -6.02
C8 NAG H . 2.87 -23.84 -6.40
N2 NAG H . 3.91 -25.22 -4.72
O3 NAG H . 3.41 -28.03 -5.01
O4 NAG H . 4.06 -29.55 -2.59
O5 NAG H . 6.41 -26.76 -2.50
O6 NAG H . 7.31 -29.67 -2.53
O7 NAG H . 4.46 -25.56 -6.86
C1 NAG H . 4.18 -30.79 -3.30
C2 NAG H . 3.45 -31.87 -2.51
C3 NAG H . 3.52 -33.20 -3.24
C4 NAG H . 3.01 -33.05 -4.67
C5 NAG H . 3.75 -31.93 -5.37
C6 NAG H . 3.20 -31.64 -6.75
C7 NAG H . 3.41 -31.43 -0.09
C8 NAG H . 4.10 -31.65 1.22
N2 NAG H . 3.98 -31.99 -1.17
O3 NAG H . 2.74 -34.17 -2.54
O4 NAG H . 3.21 -34.27 -5.38
O5 NAG H . 3.64 -30.71 -4.62
O6 NAG H . 2.59 -32.80 -7.32
O7 NAG H . 2.37 -30.78 -0.18
C01 KFL I . -10.54 -3.55 -11.28
C02 KFL I . -10.60 -2.23 -12.05
C03 KFL I . -9.18 -1.87 -12.49
C04 KFL I . -11.10 -1.12 -11.14
C05 KFL I . -12.54 -1.13 -10.93
C07 KFL I . -13.35 1.25 -10.51
C09 KFL I . -13.89 2.60 -11.05
C10 KFL I . -14.49 3.46 -9.94
C11 KFL I . -13.77 4.82 -9.87
C12 KFL I . -12.40 4.66 -9.21
C13 KFL I . -11.62 5.97 -9.18
C14 KFL I . -10.15 5.78 -8.39
C16 KFL I . -8.63 6.55 -6.61
C17 KFL I . -8.13 7.29 -7.72
C19 KFL I . -9.24 9.17 -8.52
C22 KFL I . -9.07 6.89 -8.98
C23 KFL I . -13.31 -2.17 -11.59
C24 KFL I . -12.82 -2.61 -12.98
C25 KFL I . -13.15 -4.10 -13.15
C26 KFL I . -13.63 -1.84 -14.02
N06 KFL I . -13.06 0.16 -11.44
N18 KFL I . -8.27 8.64 -7.50
N21 KFL I . -9.69 7.98 -9.41
N27 KFL I . -11.42 -2.35 -13.23
O08 KFL I . -13.16 1.10 -9.35
O20 KFL I . -9.60 10.29 -8.62
O28 KFL I . -10.96 -3.12 -13.98
S15 KFL I . -10.24 6.06 -7.03
H012 KFL I . -9.72 -3.59 -10.77
H011 KFL I . -10.55 -4.29 -11.91
H013 KFL I . -11.28 -3.63 -10.68
H031 KFL I . -8.73 -1.38 -11.77
H032 KFL I . -9.21 -1.32 -13.28
H033 KFL I . -8.69 -2.68 -12.68
H041 KFL I . -10.68 -1.21 -10.27
H042 KFL I . -10.86 -0.27 -11.53
H051 KFL I . -12.72 -1.18 -9.98
H092 KFL I . -13.16 3.08 -11.47
H091 KFL I . -14.57 2.42 -11.72
H102 KFL I . -15.43 3.62 -10.13
H101 KFL I . -14.41 3.03 -9.07
H112 KFL I . -13.67 5.18 -10.77
H111 KFL I . -14.31 5.46 -9.35
H121 KFL I . -12.53 4.35 -8.30
H122 KFL I . -11.90 4.00 -9.70
H132 KFL I . -11.45 6.25 -10.10
H131 KFL I . -12.14 6.65 -8.72
H141 KFL I . -9.81 4.88 -8.52
H161 KFL I . -8.71 7.17 -5.87
H162 KFL I . -8.10 5.73 -6.56
H171 KFL I . -7.20 7.07 -7.90
H221 KFL I . -8.54 6.50 -9.70
H232 KFL I . -14.22 -1.84 -11.68
H231 KFL I . -13.32 -2.95 -11.00
H252 KFL I . -14.10 -4.23 -13.03
H253 KFL I . -12.66 -4.62 -12.50
H251 KFL I . -12.90 -4.38 -14.05
H261 KFL I . -13.36 -2.11 -14.91
H262 KFL I . -13.49 -0.89 -13.91
H263 KFL I . -14.58 -2.03 -13.91
H061 KFL I . -13.18 0.27 -12.29
H181 KFL I . -7.88 9.09 -6.89
H211 KFL I . -10.25 8.03 -10.08
C01 KFL J . 3.27 6.58 14.02
C02 KFL J . 2.82 5.48 14.97
C03 KFL J . 3.56 4.20 14.58
C04 KFL J . 1.32 5.21 14.82
C05 KFL J . 0.48 6.19 15.50
C07 KFL J . -1.68 5.05 16.19
C09 KFL J . -2.51 4.27 17.24
C10 KFL J . -4.02 4.28 16.92
C11 KFL J . -4.54 2.85 16.79
C12 KFL J . -4.10 2.25 15.44
C13 KFL J . -4.55 0.80 15.29
C14 KFL J . -4.12 0.20 13.78
C16 KFL J . -4.84 -0.91 11.70
C17 KFL J . -4.42 -2.04 12.45
C19 KFL J . -5.73 -2.90 14.17
C22 KFL J . -3.92 -1.45 13.89
C23 KFL J . 1.13 7.27 16.19
C24 KFL J . 2.46 6.94 16.89
C25 KFL J . 3.35 8.19 16.85
C26 KFL J . 2.16 6.64 18.35
N06 KFL J . -0.31 5.45 16.50
N18 KFL J . -5.47 -2.87 12.69
N21 KFL J . -4.70 -1.96 14.85
N27 KFL J . 3.15 5.79 16.34
O08 KFL J . -2.15 5.30 15.14
O20 KFL J . -6.57 -3.52 14.72
O28 KFL J . 4.31 5.89 16.47
S15 KFL J . -5.12 0.37 12.83
H012 KFL J . 3.41 6.21 13.14
H011 KFL J . 4.09 6.98 14.34
H013 KFL J . 2.58 7.28 13.96
H031 KFL J . 3.07 3.74 13.88
H032 KFL J . 3.64 3.62 15.35
H033 KFL J . 4.45 4.43 14.27
H041 KFL J . 1.11 5.21 13.88
H042 KFL J . 1.14 4.34 15.19
H051 KFL J . -0.12 6.56 14.84
H092 KFL J . -2.20 3.35 17.27
H091 KFL J . -2.37 4.67 18.12
H102 KFL J . -4.49 4.72 17.64
H101 KFL J . -4.18 4.76 16.09
H112 KFL J . -4.19 2.30 17.51
H111 KFL J . -5.52 2.85 16.83
H121 KFL J . -4.49 2.77 14.72
H122 KFL J . -3.14 2.29 15.39
H132 KFL J . -4.11 0.26 15.98
H131 KFL J . -5.51 0.74 15.39
H141 KFL J . -3.29 0.61 13.47
H161 KFL J . -5.70 -1.14 11.31
H162 KFL J . -4.07 -0.63 11.16
H171 KFL J . -3.69 -2.50 12.01
H221 KFL J . -2.99 -1.67 14.05
H232 KFL J . 0.52 7.60 16.87
H231 KFL J . 1.29 8.00 15.56
H252 KFL J . 2.88 8.93 17.27
H253 KFL J . 3.56 8.42 15.94
H251 KFL J . 4.17 8.02 17.34
H261 KFL J . 2.98 6.45 18.82
H262 KFL J . 1.56 5.88 18.41
H263 KFL J . 1.73 7.42 18.77
H061 KFL J . 0.03 5.25 17.26
H181 KFL J . -5.90 -3.32 12.09
H211 KFL J . -4.63 -1.79 15.69
C01 KFL K . 10.67 4.17 10.92
C02 KFL K . 11.28 5.41 10.26
C03 KFL K . 10.15 6.39 9.94
C04 KFL K . 11.97 5.04 8.95
C05 KFL K . 13.26 4.42 9.12
C07 KFL K . 14.67 5.00 7.08
C09 KFL K . 15.70 5.92 6.37
C10 KFL K . 16.34 5.24 5.14
C11 KFL K . 16.09 6.08 3.88
C12 KFL K . 14.63 5.89 3.42
C13 KFL K . 14.30 6.75 2.20
C14 KFL K . 12.74 6.46 1.67
C16 KFL K . 11.25 5.86 -0.21
C17 KFL K . 11.21 7.29 -0.29
C19 KFL K . 12.97 8.50 -1.19
C22 KFL K . 12.18 7.83 0.90
C23 KFL K . 13.75 4.23 10.47
C24 KFL K . 13.38 5.31 11.50
C25 KFL K . 13.23 4.65 12.87
C26 KFL K . 14.56 6.28 11.60
N06 KFL K . 14.24 5.31 8.45
N18 KFL K . 11.73 7.72 -1.48
N21 KFL K . 13.18 8.51 0.35
N27 KFL K . 12.20 6.08 11.15
O08 KFL K . 14.24 4.05 6.52
O20 KFL K . 13.68 9.01 -1.99
O28 KFL K . 11.64 6.45 12.12
S15 KFL K . 12.68 5.47 0.70
H012 KFL K . 9.81 3.99 10.51
H011 KFL K . 10.54 4.33 11.87
H013 KFL K . 11.24 3.41 10.78
H031 KFL K . 9.76 6.15 9.08
H032 KFL K . 10.48 7.29 9.91
H033 KFL K . 9.47 6.33 10.64
H041 KFL K . 11.39 4.43 8.47
H042 KFL K . 12.07 5.85 8.42
H051 KFL K . 13.26 3.56 8.67
H092 KFL K . 15.24 6.73 6.09
H091 KFL K . 16.40 6.15 7.00
H102 KFL K . 17.29 5.17 5.29
H101 KFL K . 15.97 4.35 5.02
H112 KFL K . 16.24 7.01 4.07
H111 KFL K . 16.68 5.78 3.17
H121 KFL K . 14.48 4.96 3.19
H122 KFL K . 14.04 6.13 4.14
H132 KFL K . 14.39 7.69 2.44
H131 KFL K . 14.92 6.54 1.48
H141 KFL K . 12.16 6.24 2.41
H161 KFL K . 11.39 5.54 -1.11
H162 KFL K . 10.50 5.59 0.34
H171 KFL K . 10.30 7.62 -0.17
H221 KFL K . 11.69 8.39 1.52
H232 KFL K . 14.72 4.17 10.43
H231 KFL K . 13.42 3.37 10.79
H252 KFL K . 14.06 4.17 13.08
H253 KFL K . 12.50 4.00 12.86
H251 KFL K . 13.07 5.31 13.55
H261 KFL K . 14.35 6.97 12.25
H262 KFL K . 14.70 6.69 10.73
H263 KFL K . 15.36 5.80 11.86
H061 KFL K . 14.55 6.00 8.85
H181 KFL K . 11.40 7.56 -2.26
H211 KFL K . 13.83 8.90 0.78
C01 KFL L . -3.37 -7.22 -13.66
C02 KFL L . -3.47 -8.68 -13.21
C03 KFL L . -4.48 -8.75 -12.06
C04 KFL L . -2.12 -9.17 -12.67
C05 KFL L . -1.16 -9.50 -13.70
C07 KFL L . 0.37 -11.30 -12.76
C09 KFL L . 0.72 -12.79 -12.58
C10 KFL L . 2.18 -12.99 -12.14
C11 KFL L . 2.24 -13.74 -10.81
C12 KFL L . 1.87 -12.80 -9.65
C13 KFL L . 1.85 -13.51 -8.30
C14 KFL L . 1.53 -12.44 -7.06
C16 KFL L . 2.22 -11.50 -4.88
C17 KFL L . 1.33 -12.54 -4.45
C19 KFL L . 1.99 -14.76 -4.46
C22 KFL L . 0.82 -13.27 -5.81
C23 KFL L . -1.58 -9.33 -15.08
C24 KFL L . -3.04 -9.64 -15.40
C25 KFL L . -3.50 -8.72 -16.55
C26 KFL L . -3.12 -11.08 -15.91
N06 KFL L . -0.83 -10.92 -13.53
N18 KFL L . 2.02 -13.47 -3.71
N21 KFL L . 1.21 -14.54 -5.79
N27 KFL L . -3.94 -9.53 -14.26
O08 KFL L . 1.05 -10.46 -12.29
O20 KFL L . 2.49 -15.78 -4.12
O28 KFL L . -5.02 -9.22 -14.60
S15 KFL L . 2.69 -11.90 -6.50
H012 KFL L . -3.46 -6.64 -12.89
H011 KFL L . -4.09 -7.02 -14.29
H013 KFL L . -2.52 -7.06 -14.08
H031 KFL L . -4.04 -8.52 -11.22
H032 KFL L . -4.86 -9.64 -12.00
H033 KFL L . -5.20 -8.11 -12.22
H041 KFL L . -1.76 -8.46 -12.11
H042 KFL L . -2.28 -9.95 -12.12
H051 KFL L . -0.36 -8.96 -13.56
H092 KFL L . 0.13 -13.17 -11.90
H091 KFL L . 0.58 -13.26 -13.41
H102 KFL L . 2.65 -13.50 -12.81
H101 KFL L . 2.62 -12.13 -12.04
H112 KFL L . 1.62 -14.49 -10.82
H111 KFL L . 3.14 -14.08 -10.66
H121 KFL L . 2.52 -12.08 -9.61
H122 KFL L . 1.00 -12.43 -9.82
H132 KFL L . 1.17 -14.20 -8.31
H131 KFL L . 2.72 -13.92 -8.14
H141 KFL L . 0.94 -11.73 -7.36
H161 KFL L . 3.02 -11.57 -4.33
H162 KFL L . 1.68 -10.69 -4.94
H171 KFL L . 0.59 -12.17 -3.95
H221 KFL L . -0.15 -13.22 -5.88
H232 KFL L . -1.03 -9.92 -15.62
H231 KFL L . -1.39 -8.42 -15.35
H252 KFL L . -2.89 -8.85 -17.31
H253 KFL L . -3.46 -7.80 -16.27
H251 KFL L . -4.40 -8.94 -16.82
H261 KFL L . -4.04 -11.29 -16.14
H262 KFL L . -2.80 -11.68 -15.23
H263 KFL L . -2.56 -11.17 -16.71
H061 KFL L . -1.33 -11.53 -13.87
H181 KFL L . 2.39 -13.33 -2.95
H211 KFL L . 1.05 -15.13 -6.40
#